data_6HHS
#
_entry.id   6HHS
#
_cell.length_a   83.599
_cell.length_b   94.545
_cell.length_c   107.490
_cell.angle_alpha   90.00
_cell.angle_beta   91.76
_cell.angle_gamma   90.00
#
_symmetry.space_group_name_H-M   'I 1 2 1'
#
loop_
_entity.id
_entity.type
_entity.pdbx_description
1 polymer 'Magnetosome protein MamM, Cation efflux protein family'
2 polymer 'Probable C-terminal region of MamM CTD E289D - Cadmium form'
3 non-polymer 'CADMIUM ION'
4 non-polymer 'SULFATE ION'
5 non-polymer BETA-MERCAPTOETHANOL
6 water water
#
loop_
_entity_poly.entity_id
_entity_poly.type
_entity_poly.pdbx_seq_one_letter_code
_entity_poly.pdbx_strand_id
1 'polypeptide(L)'
;GSHMEAVQNRIVEAAERVPGVRGVIHLRARYVGQDIWADMIIGVDPENTVEQAHEICEAVQAAVCGKIRRIESLHVSADA
REIGDTTKPSFSDQPLSFDEVMLSKVDN
;
A,B,C,D,E,F,G
2 'polypeptide(L)' (UNK)(UNK)(UNK)(UNK)(UNK)(UNK)(UNK)(UNK) M
#
loop_
_chem_comp.id
_chem_comp.type
_chem_comp.name
_chem_comp.formula
BME non-polymer BETA-MERCAPTOETHANOL 'C2 H6 O S'
CD non-polymer 'CADMIUM ION' 'Cd 2'
SO4 non-polymer 'SULFATE ION' 'O4 S -2'
#
# COMPACT_ATOMS: atom_id res chain seq x y z
N HIS A 3 -3.75 -16.55 2.95
CA HIS A 3 -3.84 -15.59 4.10
C HIS A 3 -4.43 -14.27 3.60
N MET A 4 -3.56 -13.38 3.12
CA MET A 4 -3.89 -12.00 2.72
C MET A 4 -4.35 -11.95 1.26
N GLU A 5 -3.70 -12.73 0.40
CA GLU A 5 -4.03 -12.83 -1.02
C GLU A 5 -5.54 -13.12 -1.18
N ALA A 6 -6.05 -14.10 -0.43
CA ALA A 6 -7.45 -14.58 -0.54
C ALA A 6 -8.44 -13.53 0.00
N VAL A 7 -8.10 -12.93 1.15
CA VAL A 7 -8.93 -11.86 1.74
C VAL A 7 -9.08 -10.72 0.72
N GLN A 8 -7.96 -10.30 0.13
CA GLN A 8 -7.92 -9.20 -0.82
C GLN A 8 -8.83 -9.52 -2.02
N ASN A 9 -8.90 -10.79 -2.42
CA ASN A 9 -9.79 -11.21 -3.50
C ASN A 9 -11.26 -11.07 -3.06
N ARG A 10 -11.58 -11.51 -1.85
CA ARG A 10 -12.93 -11.37 -1.30
C ARG A 10 -13.32 -9.89 -1.23
N ILE A 11 -12.39 -9.01 -0.82
CA ILE A 11 -12.66 -7.57 -0.73
C ILE A 11 -13.05 -7.05 -2.12
N VAL A 12 -12.16 -7.28 -3.11
CA VAL A 12 -12.40 -6.80 -4.46
C VAL A 12 -13.75 -7.31 -4.93
N GLU A 13 -13.93 -8.63 -4.83
CA GLU A 13 -15.09 -9.28 -5.37
C GLU A 13 -16.35 -8.68 -4.74
N ALA A 14 -16.30 -8.40 -3.43
CA ALA A 14 -17.44 -7.86 -2.74
C ALA A 14 -17.75 -6.44 -3.26
N ALA A 15 -16.70 -5.63 -3.42
CA ALA A 15 -16.85 -4.22 -3.80
C ALA A 15 -17.43 -4.06 -5.21
N GLU A 16 -17.00 -4.90 -6.14
CA GLU A 16 -17.31 -4.78 -7.56
C GLU A 16 -18.79 -5.11 -7.86
N ARG A 17 -19.45 -5.85 -6.97
CA ARG A 17 -20.88 -6.20 -7.11
C ARG A 17 -21.79 -5.02 -6.74
N VAL A 18 -21.24 -4.02 -6.04
CA VAL A 18 -22.01 -2.87 -5.56
C VAL A 18 -22.34 -1.95 -6.73
N PRO A 19 -23.62 -1.56 -6.90
CA PRO A 19 -23.99 -0.64 -8.00
C PRO A 19 -23.17 0.66 -7.94
N GLY A 20 -22.78 1.16 -9.11
CA GLY A 20 -22.02 2.40 -9.28
C GLY A 20 -20.51 2.21 -9.15
N VAL A 21 -20.06 0.98 -8.88
CA VAL A 21 -18.64 0.68 -8.74
C VAL A 21 -18.07 0.25 -10.11
N ARG A 22 -17.01 0.95 -10.53
CA ARG A 22 -16.26 0.67 -11.74
C ARG A 22 -14.84 0.27 -11.32
N GLY A 23 -14.73 -0.90 -10.67
CA GLY A 23 -13.47 -1.53 -10.32
C GLY A 23 -12.87 -0.97 -9.03
N VAL A 24 -12.09 -1.82 -8.35
CA VAL A 24 -11.25 -1.40 -7.23
C VAL A 24 -9.89 -0.99 -7.82
N ILE A 25 -9.46 0.25 -7.54
CA ILE A 25 -8.27 0.82 -8.18
C ILE A 25 -7.05 0.61 -7.27
N HIS A 26 -7.22 0.85 -5.97
CA HIS A 26 -6.15 0.69 -4.98
C HIS A 26 -6.74 -0.03 -3.75
N LEU A 27 -5.90 -0.85 -3.12
CA LEU A 27 -6.25 -1.50 -1.88
C LEU A 27 -4.97 -1.77 -1.09
N ARG A 28 -4.91 -1.31 0.16
CA ARG A 28 -3.87 -1.70 1.07
C ARG A 28 -4.55 -2.25 2.32
N ALA A 29 -3.98 -3.33 2.87
CA ALA A 29 -4.50 -4.01 4.04
C ALA A 29 -3.34 -4.47 4.93
N ARG A 30 -3.54 -4.37 6.24
CA ARG A 30 -2.54 -4.70 7.28
C ARG A 30 -3.30 -5.52 8.35
N TYR A 31 -2.69 -6.58 8.88
CA TYR A 31 -3.18 -7.25 10.07
C TYR A 31 -2.77 -6.45 11.31
N VAL A 32 -3.75 -6.22 12.19
CA VAL A 32 -3.54 -5.72 13.54
C VAL A 32 -4.18 -6.76 14.47
N GLY A 33 -3.36 -7.57 15.12
CA GLY A 33 -3.81 -8.81 15.69
C GLY A 33 -4.53 -9.63 14.64
N GLN A 34 -5.64 -10.27 15.02
CA GLN A 34 -6.36 -11.17 14.12
C GLN A 34 -7.20 -10.39 13.11
N ASP A 35 -7.38 -9.08 13.34
CA ASP A 35 -8.27 -8.24 12.54
C ASP A 35 -7.47 -7.53 11.46
N ILE A 36 -8.19 -6.88 10.54
CA ILE A 36 -7.59 -6.21 9.40
C ILE A 36 -8.04 -4.75 9.40
N TRP A 37 -7.07 -3.84 9.18
CA TRP A 37 -7.32 -2.48 8.76
C TRP A 37 -7.01 -2.37 7.26
N ALA A 38 -7.91 -1.72 6.52
CA ALA A 38 -7.79 -1.61 5.05
C ALA A 38 -8.27 -0.24 4.61
N ASP A 39 -7.62 0.33 3.57
CA ASP A 39 -8.24 1.43 2.85
C ASP A 39 -8.15 1.14 1.35
N MET A 40 -9.20 1.55 0.64
CA MET A 40 -9.29 1.29 -0.78
C MET A 40 -9.85 2.51 -1.50
N ILE A 41 -9.57 2.58 -2.80
CA ILE A 41 -10.16 3.57 -3.69
C ILE A 41 -10.89 2.81 -4.81
N ILE A 42 -12.11 3.25 -5.08
CA ILE A 42 -12.96 2.67 -6.13
C ILE A 42 -13.12 3.70 -7.25
N GLY A 43 -13.44 3.18 -8.44
CA GLY A 43 -13.79 3.98 -9.58
C GLY A 43 -15.28 4.20 -9.65
N VAL A 44 -15.69 5.40 -10.05
CA VAL A 44 -17.09 5.78 -10.23
C VAL A 44 -17.21 6.70 -11.45
N ASP A 45 -18.44 6.79 -11.99
CA ASP A 45 -18.76 7.69 -13.10
C ASP A 45 -18.28 9.09 -12.72
N PRO A 46 -17.44 9.76 -13.56
CA PRO A 46 -17.01 11.14 -13.31
C PRO A 46 -18.11 12.19 -13.20
N GLU A 47 -19.29 11.93 -13.77
CA GLU A 47 -20.40 12.91 -13.79
C GLU A 47 -21.20 12.84 -12.48
N ASN A 48 -20.92 11.83 -11.64
CA ASN A 48 -21.40 11.79 -10.26
C ASN A 48 -20.96 13.04 -9.50
N THR A 49 -21.84 13.47 -8.59
CA THR A 49 -21.50 14.44 -7.56
C THR A 49 -20.61 13.74 -6.53
N VAL A 50 -19.75 14.52 -5.86
CA VAL A 50 -18.92 13.96 -4.77
C VAL A 50 -19.82 13.35 -3.68
N GLU A 51 -20.96 14.00 -3.40
CA GLU A 51 -22.02 13.48 -2.51
C GLU A 51 -22.44 12.08 -2.96
N GLN A 52 -22.72 11.92 -4.25
CA GLN A 52 -23.23 10.66 -4.80
C GLN A 52 -22.13 9.60 -4.76
N ALA A 53 -20.89 10.02 -5.01
CA ALA A 53 -19.76 9.12 -4.91
C ALA A 53 -19.63 8.62 -3.46
N HIS A 54 -19.92 9.49 -2.49
CA HIS A 54 -19.86 9.15 -1.07
C HIS A 54 -20.86 8.03 -0.73
N GLU A 55 -22.04 8.05 -1.38
CA GLU A 55 -23.07 7.03 -1.14
C GLU A 55 -22.56 5.66 -1.61
N ILE A 56 -21.88 5.63 -2.76
CA ILE A 56 -21.36 4.38 -3.30
C ILE A 56 -20.26 3.84 -2.37
N CYS A 57 -19.37 4.73 -1.92
CA CYS A 57 -18.31 4.41 -0.97
C CYS A 57 -18.93 3.74 0.27
N GLU A 58 -19.99 4.37 0.82
CA GLU A 58 -20.72 3.84 1.97
C GLU A 58 -21.30 2.44 1.67
N ALA A 59 -21.91 2.28 0.49
CA ALA A 59 -22.47 0.98 0.09
C ALA A 59 -21.36 -0.09 0.03
N VAL A 60 -20.20 0.29 -0.51
CA VAL A 60 -19.04 -0.61 -0.61
C VAL A 60 -18.57 -0.98 0.80
N GLN A 61 -18.42 0.02 1.65
CA GLN A 61 -18.05 -0.18 3.07
C GLN A 61 -18.97 -1.21 3.75
N ALA A 62 -20.28 -1.12 3.49
CA ALA A 62 -21.28 -2.05 4.06
C ALA A 62 -21.11 -3.49 3.50
N ALA A 63 -20.95 -3.57 2.17
CA ALA A 63 -20.92 -4.85 1.43
C ALA A 63 -19.71 -5.69 1.84
N VAL A 64 -18.53 -5.06 1.87
CA VAL A 64 -17.28 -5.74 2.20
C VAL A 64 -17.30 -6.13 3.68
N CYS A 65 -17.60 -5.17 4.55
CA CYS A 65 -17.59 -5.38 5.98
C CYS A 65 -18.58 -6.51 6.37
N GLY A 66 -19.67 -6.65 5.60
CA GLY A 66 -20.68 -7.68 5.83
C GLY A 66 -20.29 -9.07 5.34
N LYS A 67 -19.36 -9.16 4.38
CA LYS A 67 -18.92 -10.46 3.80
C LYS A 67 -17.64 -10.95 4.47
N ILE A 68 -16.92 -10.07 5.17
CA ILE A 68 -15.61 -10.40 5.74
C ILE A 68 -15.55 -9.93 7.19
N ARG A 69 -15.71 -10.86 8.13
CA ARG A 69 -15.84 -10.58 9.56
C ARG A 69 -14.58 -9.92 10.13
N ARG A 70 -13.41 -10.35 9.65
CA ARG A 70 -12.12 -10.04 10.28
C ARG A 70 -11.69 -8.59 9.98
N ILE A 71 -12.38 -7.89 9.07
CA ILE A 71 -12.05 -6.48 8.77
C ILE A 71 -12.73 -5.61 9.82
N GLU A 72 -11.90 -4.95 10.66
CA GLU A 72 -12.33 -4.09 11.76
C GLU A 72 -12.60 -2.65 11.29
N SER A 73 -11.81 -2.22 10.30
CA SER A 73 -11.84 -0.86 9.81
C SER A 73 -11.52 -0.87 8.32
N LEU A 74 -12.35 -0.14 7.55
CA LEU A 74 -12.25 -0.07 6.10
C LEU A 74 -12.58 1.35 5.64
N HIS A 75 -11.54 2.09 5.23
CA HIS A 75 -11.71 3.41 4.63
C HIS A 75 -11.88 3.27 3.11
N VAL A 76 -12.77 4.08 2.53
CA VAL A 76 -13.14 3.98 1.10
C VAL A 76 -13.25 5.38 0.49
N SER A 77 -12.50 5.62 -0.60
CA SER A 77 -12.56 6.86 -1.38
C SER A 77 -12.89 6.54 -2.84
N ALA A 78 -13.34 7.57 -3.58
CA ALA A 78 -13.80 7.45 -4.96
C ALA A 78 -12.87 8.26 -5.89
N ASP A 79 -12.63 7.68 -7.08
CA ASP A 79 -11.83 8.28 -8.12
C ASP A 79 -12.63 8.19 -9.44
N ALA A 80 -12.46 9.19 -10.31
CA ALA A 80 -13.02 9.20 -11.66
C ALA A 80 -12.56 7.96 -12.43
N ARG A 81 -13.51 7.25 -13.05
CA ARG A 81 -13.23 6.04 -13.84
C ARG A 81 -14.24 5.90 -14.96
N GLU A 82 -13.74 5.83 -16.21
CA GLU A 82 -14.60 5.57 -17.36
C GLU A 82 -14.78 4.06 -17.53
N ILE A 83 -15.77 3.72 -18.34
CA ILE A 83 -16.31 2.37 -18.50
C ILE A 83 -15.29 1.37 -19.09
N GLY A 84 -14.49 1.80 -20.07
CA GLY A 84 -13.75 0.89 -20.96
C GLY A 84 -12.46 0.42 -20.33
N ASP A 85 -11.34 0.93 -20.86
CA ASP A 85 -10.01 0.94 -20.24
C ASP A 85 -10.13 0.76 -18.72
N MET B 4 -21.84 16.81 18.73
CA MET B 4 -21.12 15.59 19.17
C MET B 4 -21.90 14.88 20.29
N GLU B 5 -22.48 15.66 21.21
CA GLU B 5 -23.31 15.12 22.29
C GLU B 5 -24.40 14.20 21.71
N ALA B 6 -25.08 14.66 20.67
CA ALA B 6 -26.22 13.97 20.01
C ALA B 6 -25.75 12.71 19.28
N VAL B 7 -24.66 12.80 18.52
CA VAL B 7 -24.07 11.67 17.81
C VAL B 7 -23.77 10.54 18.82
N GLN B 8 -23.09 10.92 19.91
CA GLN B 8 -22.67 9.98 20.93
C GLN B 8 -23.91 9.27 21.52
N ASN B 9 -25.03 9.98 21.64
CA ASN B 9 -26.28 9.40 22.13
C ASN B 9 -26.82 8.37 21.12
N ARG B 10 -26.83 8.74 19.83
CA ARG B 10 -27.27 7.82 18.79
C ARG B 10 -26.39 6.56 18.79
N ILE B 11 -25.07 6.72 18.97
CA ILE B 11 -24.16 5.56 19.01
C ILE B 11 -24.56 4.62 20.16
N VAL B 12 -24.62 5.17 21.38
CA VAL B 12 -24.95 4.36 22.55
C VAL B 12 -26.28 3.66 22.29
N GLU B 13 -27.28 4.44 21.91
CA GLU B 13 -28.63 3.94 21.80
C GLU B 13 -28.66 2.81 20.77
N ALA B 14 -27.91 2.97 19.68
CA ALA B 14 -27.88 1.93 18.65
C ALA B 14 -27.22 0.66 19.18
N ALA B 15 -26.12 0.81 19.94
CA ALA B 15 -25.33 -0.34 20.42
C ALA B 15 -26.12 -1.19 21.42
N GLU B 16 -26.88 -0.53 22.30
CA GLU B 16 -27.56 -1.18 23.42
C GLU B 16 -28.73 -2.07 22.96
N ARG B 17 -29.26 -1.82 21.77
CA ARG B 17 -30.37 -2.58 21.19
C ARG B 17 -29.90 -3.91 20.61
N VAL B 18 -28.59 -4.06 20.37
CA VAL B 18 -28.02 -5.25 19.77
C VAL B 18 -28.06 -6.42 20.75
N PRO B 19 -28.56 -7.61 20.35
CA PRO B 19 -28.57 -8.78 21.22
C PRO B 19 -27.19 -9.07 21.83
N GLY B 20 -27.18 -9.42 23.13
CA GLY B 20 -25.96 -9.78 23.87
C GLY B 20 -25.23 -8.58 24.47
N VAL B 21 -25.72 -7.36 24.21
CA VAL B 21 -25.09 -6.15 24.73
C VAL B 21 -25.74 -5.77 26.07
N ARG B 22 -24.89 -5.59 27.10
CA ARG B 22 -25.39 -5.22 28.43
C ARG B 22 -25.13 -3.75 28.85
N GLY B 23 -24.97 -2.82 27.92
CA GLY B 23 -24.58 -1.45 28.18
C GLY B 23 -23.28 -1.10 27.49
N VAL B 24 -23.15 0.18 27.12
CA VAL B 24 -21.93 0.76 26.62
C VAL B 24 -21.15 1.29 27.84
N ILE B 25 -19.90 0.86 28.00
CA ILE B 25 -19.09 1.19 29.17
C ILE B 25 -18.24 2.44 28.89
N HIS B 26 -17.57 2.45 27.73
CA HIS B 26 -16.72 3.58 27.31
C HIS B 26 -17.00 3.89 25.84
N LEU B 27 -16.83 5.15 25.46
CA LEU B 27 -16.97 5.60 24.10
C LEU B 27 -16.15 6.88 23.91
N ARG B 28 -15.27 6.89 22.90
CA ARG B 28 -14.67 8.11 22.45
C ARG B 28 -14.94 8.25 20.96
N ALA B 29 -15.19 9.49 20.52
CA ALA B 29 -15.48 9.82 19.13
C ALA B 29 -14.84 11.17 18.77
N ARG B 30 -14.30 11.25 17.56
CA ARG B 30 -13.63 12.45 17.05
C ARG B 30 -14.05 12.61 15.58
N TYR B 31 -14.17 13.88 15.14
CA TYR B 31 -14.37 14.20 13.73
C TYR B 31 -13.02 14.17 13.03
N VAL B 32 -12.98 13.48 11.88
CA VAL B 32 -11.90 13.58 10.91
C VAL B 32 -12.55 13.98 9.59
N GLY B 33 -12.40 15.24 9.19
CA GLY B 33 -13.25 15.85 8.21
C GLY B 33 -14.70 15.70 8.65
N GLN B 34 -15.59 15.42 7.70
CA GLN B 34 -17.02 15.35 7.96
C GLN B 34 -17.38 14.02 8.64
N ASP B 35 -16.45 13.06 8.64
CA ASP B 35 -16.73 11.71 9.14
C ASP B 35 -16.26 11.59 10.59
N ILE B 36 -16.60 10.46 11.21
CA ILE B 36 -16.31 10.20 12.60
C ILE B 36 -15.49 8.91 12.72
N TRP B 37 -14.43 8.96 13.52
CA TRP B 37 -13.78 7.78 14.07
C TRP B 37 -14.22 7.64 15.53
N ALA B 38 -14.58 6.41 15.92
CA ALA B 38 -15.04 6.10 17.27
C ALA B 38 -14.45 4.76 17.72
N ASP B 39 -14.15 4.63 19.01
CA ASP B 39 -13.95 3.32 19.62
C ASP B 39 -14.74 3.24 20.93
N MET B 40 -15.28 2.05 21.22
CA MET B 40 -16.10 1.85 22.38
C MET B 40 -15.82 0.47 22.99
N ILE B 41 -16.20 0.33 24.27
CA ILE B 41 -16.23 -0.96 24.93
C ILE B 41 -17.65 -1.22 25.42
N ILE B 42 -18.14 -2.44 25.17
CA ILE B 42 -19.46 -2.89 25.56
C ILE B 42 -19.30 -3.94 26.68
N GLY B 43 -20.35 -4.07 27.49
CA GLY B 43 -20.47 -5.13 28.43
C GLY B 43 -21.23 -6.31 27.84
N VAL B 44 -20.78 -7.52 28.21
CA VAL B 44 -21.40 -8.79 27.80
C VAL B 44 -21.37 -9.76 29.00
N ASP B 45 -22.24 -10.78 28.94
CA ASP B 45 -22.25 -11.87 29.92
C ASP B 45 -20.83 -12.42 30.04
N PRO B 46 -20.24 -12.48 31.27
CA PRO B 46 -18.92 -13.07 31.47
C PRO B 46 -18.75 -14.54 31.06
N GLU B 47 -19.85 -15.29 30.97
CA GLU B 47 -19.80 -16.72 30.66
C GLU B 47 -19.74 -16.95 29.15
N ASN B 48 -19.89 -15.89 28.36
CA ASN B 48 -19.57 -15.91 26.92
C ASN B 48 -18.09 -16.28 26.72
N THR B 49 -17.84 -16.99 25.62
CA THR B 49 -16.47 -17.18 25.10
C THR B 49 -16.03 -15.83 24.50
N VAL B 50 -14.71 -15.58 24.49
CA VAL B 50 -14.15 -14.40 23.82
C VAL B 50 -14.55 -14.41 22.34
N GLU B 51 -14.56 -15.60 21.71
CA GLU B 51 -15.09 -15.79 20.34
C GLU B 51 -16.51 -15.23 20.22
N GLN B 52 -17.37 -15.60 21.16
CA GLN B 52 -18.79 -15.22 21.12
C GLN B 52 -18.93 -13.72 21.39
N ALA B 53 -18.08 -13.20 22.28
CA ALA B 53 -18.05 -11.76 22.54
C ALA B 53 -17.66 -11.02 21.25
N HIS B 54 -16.82 -11.62 20.47
CA HIS B 54 -16.39 -11.04 19.24
C HIS B 54 -17.52 -10.91 18.23
N GLU B 55 -18.40 -11.89 18.22
CA GLU B 55 -19.60 -11.86 17.34
C GLU B 55 -20.51 -10.68 17.73
N ILE B 56 -20.66 -10.43 19.03
CA ILE B 56 -21.51 -9.34 19.51
C ILE B 56 -20.88 -8.00 19.09
N CYS B 57 -19.56 -7.88 19.27
CA CYS B 57 -18.80 -6.71 18.86
C CYS B 57 -19.06 -6.41 17.38
N GLU B 58 -18.94 -7.45 16.55
CA GLU B 58 -19.23 -7.36 15.11
C GLU B 58 -20.67 -6.90 14.85
N ALA B 59 -21.63 -7.48 15.55
CA ALA B 59 -23.06 -7.10 15.41
C ALA B 59 -23.25 -5.63 15.78
N VAL B 60 -22.58 -5.16 16.83
CA VAL B 60 -22.65 -3.77 17.28
C VAL B 60 -22.06 -2.87 16.20
N GLN B 61 -20.87 -3.24 15.71
CA GLN B 61 -20.20 -2.53 14.61
C GLN B 61 -21.16 -2.35 13.42
N ALA B 62 -21.89 -3.41 13.07
CA ALA B 62 -22.83 -3.42 11.91
C ALA B 62 -24.03 -2.49 12.17
N ALA B 63 -24.62 -2.61 13.38
CA ALA B 63 -25.87 -1.94 13.74
C ALA B 63 -25.68 -0.43 13.79
N VAL B 64 -24.60 0.03 14.45
CA VAL B 64 -24.32 1.45 14.58
C VAL B 64 -23.94 2.03 13.20
N CYS B 65 -22.99 1.38 12.52
CA CYS B 65 -22.49 1.86 11.23
C CYS B 65 -23.64 1.94 10.20
N GLY B 66 -24.65 1.07 10.32
CA GLY B 66 -25.82 1.08 9.45
C GLY B 66 -26.84 2.18 9.77
N LYS B 67 -26.88 2.68 11.00
CA LYS B 67 -27.87 3.70 11.44
C LYS B 67 -27.25 5.10 11.44
N ILE B 68 -25.93 5.19 11.34
CA ILE B 68 -25.23 6.50 11.39
C ILE B 68 -24.23 6.55 10.23
N ARG B 69 -24.57 7.28 9.16
CA ARG B 69 -23.83 7.31 7.91
C ARG B 69 -22.40 7.83 8.09
N ARG B 70 -22.27 8.87 8.95
CA ARG B 70 -21.06 9.68 9.01
C ARG B 70 -19.93 8.97 9.75
N ILE B 71 -20.19 7.80 10.37
CA ILE B 71 -19.13 7.02 11.04
C ILE B 71 -18.37 6.20 10.00
N GLU B 72 -17.09 6.54 9.81
CA GLU B 72 -16.15 5.91 8.89
C GLU B 72 -15.46 4.67 9.49
N SER B 73 -15.22 4.75 10.80
CA SER B 73 -14.50 3.73 11.53
C SER B 73 -15.06 3.62 12.94
N LEU B 74 -15.32 2.40 13.39
CA LEU B 74 -15.86 2.11 14.74
C LEU B 74 -15.21 0.84 15.29
N HIS B 75 -14.28 1.01 16.22
CA HIS B 75 -13.65 -0.11 16.92
C HIS B 75 -14.49 -0.45 18.16
N VAL B 76 -14.63 -1.76 18.44
CA VAL B 76 -15.51 -2.27 19.50
C VAL B 76 -14.80 -3.41 20.23
N SER B 77 -14.70 -3.29 21.55
CA SER B 77 -14.18 -4.36 22.43
C SER B 77 -15.26 -4.72 23.47
N ALA B 78 -15.12 -5.92 24.04
CA ALA B 78 -16.09 -6.49 25.00
C ALA B 78 -15.41 -6.69 26.35
N ASP B 79 -16.16 -6.34 27.40
CA ASP B 79 -15.75 -6.48 28.77
C ASP B 79 -16.83 -7.19 29.57
N ALA B 80 -16.41 -7.97 30.58
CA ALA B 80 -17.33 -8.62 31.52
C ALA B 80 -18.25 -7.59 32.17
N ARG B 81 -19.56 -7.87 32.15
CA ARG B 81 -20.59 -7.01 32.75
C ARG B 81 -21.74 -7.88 33.29
N GLU B 82 -22.04 -7.70 34.58
CA GLU B 82 -23.07 -8.42 35.26
C GLU B 82 -24.40 -7.71 35.05
N ILE B 83 -25.47 -8.41 35.42
CA ILE B 83 -26.85 -7.93 35.35
C ILE B 83 -27.08 -6.72 36.28
N GLY B 84 -26.42 -6.68 37.45
CA GLY B 84 -26.56 -5.62 38.47
C GLY B 84 -26.35 -4.17 38.00
N ASP B 85 -27.24 -3.30 38.52
CA ASP B 85 -26.99 -1.92 39.09
C ASP B 85 -27.15 -0.79 38.04
N THR B 86 -26.41 -0.80 36.92
CA THR B 86 -26.63 0.10 35.72
C THR B 86 -25.50 1.14 35.57
N THR B 87 -24.26 0.67 35.51
CA THR B 87 -23.09 1.47 35.15
C THR B 87 -23.34 2.09 33.77
N LYS B 88 -23.11 3.41 33.68
CA LYS B 88 -23.54 4.31 32.57
C LYS B 88 -22.35 4.70 31.70
N PRO B 89 -22.54 4.93 30.38
CA PRO B 89 -21.42 5.27 29.49
C PRO B 89 -20.59 6.48 29.92
N SER B 90 -19.26 6.29 29.97
CA SER B 90 -18.28 7.37 30.13
C SER B 90 -17.68 7.73 28.77
N PHE B 91 -17.41 9.02 28.54
CA PHE B 91 -16.84 9.54 27.27
C PHE B 91 -15.45 10.13 27.53
N HIS C 3 -3.32 4.78 -27.34
CA HIS C 3 -3.53 4.65 -25.87
C HIS C 3 -2.19 4.93 -25.15
N MET C 4 -1.39 3.87 -24.98
CA MET C 4 -0.14 3.88 -24.21
C MET C 4 1.05 4.35 -25.08
N GLU C 5 1.07 3.90 -26.35
CA GLU C 5 2.08 4.28 -27.34
C GLU C 5 2.25 5.80 -27.36
N ALA C 6 1.13 6.53 -27.46
CA ALA C 6 1.10 7.99 -27.65
C ALA C 6 1.54 8.71 -26.37
N VAL C 7 1.03 8.24 -25.21
CA VAL C 7 1.43 8.79 -23.91
C VAL C 7 2.96 8.69 -23.76
N GLN C 8 3.50 7.51 -24.04
CA GLN C 8 4.92 7.23 -23.90
C GLN C 8 5.73 8.17 -24.80
N ASN C 9 5.19 8.52 -25.98
CA ASN C 9 5.84 9.48 -26.87
C ASN C 9 5.86 10.87 -26.23
N ARG C 10 4.72 11.30 -25.68
CA ARG C 10 4.64 12.59 -25.00
C ARG C 10 5.62 12.64 -23.82
N ILE C 11 5.74 11.55 -23.06
CA ILE C 11 6.67 11.48 -21.93
C ILE C 11 8.11 11.72 -22.44
N VAL C 12 8.53 10.89 -23.41
CA VAL C 12 9.88 10.98 -23.92
C VAL C 12 10.11 12.41 -24.41
N GLU C 13 9.20 12.88 -25.26
CA GLU C 13 9.38 14.13 -25.94
C GLU C 13 9.52 15.23 -24.90
N ALA C 14 8.73 15.17 -23.83
CA ALA C 14 8.77 16.19 -22.81
C ALA C 14 10.14 16.16 -22.10
N ALA C 15 10.61 14.95 -21.76
CA ALA C 15 11.82 14.77 -20.96
C ALA C 15 13.06 15.26 -21.69
N GLU C 16 13.14 15.00 -23.01
CA GLU C 16 14.35 15.22 -23.78
C GLU C 16 14.62 16.73 -24.01
N ARG C 17 13.58 17.56 -23.89
CA ARG C 17 13.71 19.01 -24.07
C ARG C 17 14.28 19.69 -22.82
N VAL C 18 14.31 19.00 -21.69
CA VAL C 18 14.78 19.54 -20.42
C VAL C 18 16.30 19.68 -20.47
N PRO C 19 16.88 20.86 -20.13
CA PRO C 19 18.33 21.02 -20.13
C PRO C 19 19.04 19.96 -19.27
N GLY C 20 20.17 19.47 -19.78
CA GLY C 20 21.01 18.47 -19.12
C GLY C 20 20.59 17.02 -19.38
N VAL C 21 19.50 16.83 -20.12
CA VAL C 21 19.00 15.50 -20.46
C VAL C 21 19.62 15.05 -21.80
N ARG C 22 20.23 13.87 -21.77
CA ARG C 22 20.82 13.20 -22.92
C ARG C 22 20.03 11.90 -23.15
N GLY C 23 18.77 12.05 -23.56
CA GLY C 23 17.90 10.97 -23.98
C GLY C 23 17.28 10.25 -22.81
N VAL C 24 16.09 9.66 -23.08
CA VAL C 24 15.42 8.74 -22.17
C VAL C 24 15.93 7.33 -22.49
N ILE C 25 16.46 6.65 -21.48
CA ILE C 25 17.12 5.36 -21.67
C ILE C 25 16.12 4.22 -21.41
N HIS C 26 15.36 4.34 -20.31
CA HIS C 26 14.35 3.35 -19.91
C HIS C 26 13.06 4.07 -19.51
N LEU C 27 11.94 3.41 -19.79
CA LEU C 27 10.62 3.90 -19.40
C LEU C 27 9.69 2.71 -19.22
N ARG C 28 9.07 2.61 -18.06
CA ARG C 28 8.04 1.62 -17.75
C ARG C 28 6.81 2.41 -17.30
N ALA C 29 5.63 2.06 -17.82
CA ALA C 29 4.39 2.80 -17.55
C ALA C 29 3.22 1.82 -17.52
N ARG C 30 2.35 1.96 -16.51
CA ARG C 30 1.18 1.11 -16.36
C ARG C 30 -0.01 1.99 -15.97
N TYR C 31 -1.19 1.59 -16.42
CA TYR C 31 -2.45 2.18 -15.99
C TYR C 31 -2.85 1.58 -14.64
N VAL C 32 -3.20 2.47 -13.70
CA VAL C 32 -3.88 2.12 -12.47
C VAL C 32 -5.17 2.97 -12.44
N GLY C 33 -6.30 2.33 -12.69
CA GLY C 33 -7.49 3.07 -13.08
C GLY C 33 -7.18 3.94 -14.27
N GLN C 34 -7.73 5.14 -14.29
CA GLN C 34 -7.54 6.06 -15.36
C GLN C 34 -6.21 6.72 -15.40
N ASP C 35 -5.46 6.61 -14.32
CA ASP C 35 -4.18 7.32 -14.15
C ASP C 35 -3.03 6.39 -14.52
N ILE C 36 -1.84 6.96 -14.58
CA ILE C 36 -0.64 6.23 -14.97
C ILE C 36 0.41 6.36 -13.86
N TRP C 37 1.04 5.23 -13.50
CA TRP C 37 2.33 5.24 -12.81
C TRP C 37 3.43 4.93 -13.82
N ALA C 38 4.52 5.72 -13.77
CA ALA C 38 5.69 5.55 -14.62
C ALA C 38 6.98 5.69 -13.81
N ASP C 39 8.01 4.93 -14.19
CA ASP C 39 9.37 5.28 -13.79
C ASP C 39 10.26 5.25 -15.04
N MET C 40 11.23 6.18 -15.06
CA MET C 40 12.13 6.31 -16.18
C MET C 40 13.55 6.58 -15.70
N ILE C 41 14.50 6.29 -16.57
CA ILE C 41 15.89 6.63 -16.37
C ILE C 41 16.33 7.50 -17.56
N ILE C 42 17.01 8.61 -17.24
CA ILE C 42 17.53 9.55 -18.21
C ILE C 42 19.06 9.48 -18.20
N GLY C 43 19.65 9.89 -19.33
CA GLY C 43 21.08 10.05 -19.46
C GLY C 43 21.47 11.47 -19.12
N VAL C 44 22.61 11.61 -18.44
CA VAL C 44 23.20 12.90 -18.07
C VAL C 44 24.72 12.81 -18.22
N ASP C 45 25.35 13.99 -18.35
CA ASP C 45 26.81 14.11 -18.40
C ASP C 45 27.39 13.36 -17.20
N PRO C 46 28.32 12.40 -17.40
CA PRO C 46 28.96 11.69 -16.28
C PRO C 46 29.76 12.57 -15.30
N GLU C 47 30.17 13.77 -15.72
CA GLU C 47 30.98 14.65 -14.88
C GLU C 47 30.10 15.49 -13.95
N ASN C 48 28.77 15.41 -14.14
CA ASN C 48 27.81 15.94 -13.18
C ASN C 48 28.01 15.27 -11.82
N THR C 49 27.75 16.03 -10.76
CA THR C 49 27.58 15.51 -9.42
C THR C 49 26.23 14.77 -9.38
N VAL C 50 26.11 13.77 -8.51
CA VAL C 50 24.82 13.10 -8.28
C VAL C 50 23.77 14.12 -7.80
N GLU C 51 24.19 15.11 -6.98
CA GLU C 51 23.35 16.27 -6.59
C GLU C 51 22.77 16.94 -7.85
N GLN C 52 23.66 17.25 -8.81
CA GLN C 52 23.27 17.98 -10.01
C GLN C 52 22.39 17.11 -10.91
N ALA C 53 22.68 15.81 -10.94
CA ALA C 53 21.86 14.88 -11.69
C ALA C 53 20.45 14.86 -11.09
N HIS C 54 20.35 14.97 -9.76
CA HIS C 54 19.07 14.97 -9.06
C HIS C 54 18.22 16.17 -9.48
N GLU C 55 18.87 17.32 -9.72
CA GLU C 55 18.18 18.55 -10.14
C GLU C 55 17.55 18.33 -11.52
N ILE C 56 18.28 17.68 -12.43
CA ILE C 56 17.78 17.42 -13.78
C ILE C 56 16.58 16.47 -13.70
N CYS C 57 16.70 15.41 -12.88
CA CYS C 57 15.62 14.46 -12.64
C CYS C 57 14.37 15.21 -12.19
N GLU C 58 14.53 16.10 -11.21
CA GLU C 58 13.45 16.94 -10.69
C GLU C 58 12.84 17.79 -11.82
N ALA C 59 13.69 18.42 -12.64
CA ALA C 59 13.21 19.25 -13.75
C ALA C 59 12.39 18.41 -14.74
N VAL C 60 12.87 17.19 -15.01
CA VAL C 60 12.17 16.25 -15.90
C VAL C 60 10.80 15.88 -15.29
N GLN C 61 10.82 15.52 -14.00
CA GLN C 61 9.60 15.21 -13.24
C GLN C 61 8.56 16.33 -13.39
N ALA C 62 9.01 17.59 -13.28
CA ALA C 62 8.13 18.77 -13.37
C ALA C 62 7.55 18.92 -14.79
N ALA C 63 8.44 18.81 -15.80
CA ALA C 63 8.10 19.07 -17.20
C ALA C 63 7.05 18.08 -17.72
N VAL C 64 7.28 16.79 -17.46
CA VAL C 64 6.41 15.72 -17.93
C VAL C 64 5.06 15.82 -17.18
N CYS C 65 5.12 15.88 -15.85
CA CYS C 65 3.93 15.89 -15.01
C CYS C 65 3.04 17.10 -15.36
N GLY C 66 3.67 18.22 -15.78
CA GLY C 66 2.95 19.42 -16.18
C GLY C 66 2.33 19.38 -17.56
N LYS C 67 2.81 18.51 -18.45
CA LYS C 67 2.30 18.40 -19.84
C LYS C 67 1.28 17.24 -19.94
N ILE C 68 1.27 16.32 -18.97
CA ILE C 68 0.46 15.11 -19.05
C ILE C 68 -0.32 14.92 -17.74
N ARG C 69 -1.62 15.25 -17.76
CA ARG C 69 -2.46 15.27 -16.59
C ARG C 69 -2.63 13.88 -15.96
N ARG C 70 -2.71 12.85 -16.80
CA ARG C 70 -3.17 11.51 -16.35
C ARG C 70 -2.05 10.77 -15.60
N ILE C 71 -0.83 11.32 -15.58
CA ILE C 71 0.28 10.70 -14.81
C ILE C 71 0.15 11.13 -13.35
N GLU C 72 -0.13 10.15 -12.47
CA GLU C 72 -0.30 10.32 -11.02
C GLU C 72 1.05 10.29 -10.28
N SER C 73 1.97 9.48 -10.79
CA SER C 73 3.24 9.23 -10.16
C SER C 73 4.31 8.97 -11.24
N LEU C 74 5.47 9.63 -11.08
CA LEU C 74 6.57 9.54 -12.05
C LEU C 74 7.91 9.54 -11.30
N HIS C 75 8.55 8.38 -11.20
CA HIS C 75 9.88 8.26 -10.63
C HIS C 75 10.93 8.45 -11.74
N VAL C 76 12.03 9.15 -11.43
CA VAL C 76 13.07 9.51 -12.41
C VAL C 76 14.45 9.31 -11.77
N SER C 77 15.31 8.51 -12.43
CA SER C 77 16.70 8.29 -12.05
C SER C 77 17.62 8.67 -13.21
N ALA C 78 18.91 8.90 -12.89
CA ALA C 78 19.93 9.37 -13.85
C ALA C 78 21.02 8.32 -14.01
N ASP C 79 21.46 8.17 -15.27
CA ASP C 79 22.52 7.25 -15.65
C ASP C 79 23.55 8.01 -16.51
N ALA C 80 24.82 7.63 -16.37
CA ALA C 80 25.91 8.18 -17.19
C ALA C 80 25.60 7.97 -18.68
N ARG C 81 25.71 9.05 -19.46
CA ARG C 81 25.47 9.03 -20.90
C ARG C 81 26.38 10.03 -21.59
N GLU C 82 27.21 9.54 -22.53
CA GLU C 82 28.07 10.40 -23.32
C GLU C 82 27.31 10.85 -24.56
N ILE C 83 27.91 11.75 -25.35
CA ILE C 83 27.37 12.14 -26.65
C ILE C 83 28.04 11.30 -27.75
N GLY D 1 16.54 18.05 5.44
CA GLY D 1 16.21 19.47 5.72
C GLY D 1 15.77 19.66 7.15
N SER D 2 14.54 19.19 7.47
CA SER D 2 13.85 19.46 8.78
C SER D 2 12.76 18.40 9.03
N HIS D 3 13.03 17.46 9.98
CA HIS D 3 12.22 16.27 10.38
C HIS D 3 10.93 16.11 9.55
N MET D 4 10.10 15.17 9.98
CA MET D 4 8.84 14.73 9.36
C MET D 4 7.68 15.65 9.77
N GLU D 5 7.66 16.06 11.05
CA GLU D 5 6.61 16.95 11.58
C GLU D 5 6.54 18.22 10.72
N ALA D 6 7.72 18.80 10.41
CA ALA D 6 7.82 20.08 9.68
C ALA D 6 7.41 19.92 8.21
N VAL D 7 7.87 18.84 7.56
CA VAL D 7 7.49 18.54 6.19
C VAL D 7 5.97 18.44 6.08
N GLN D 8 5.37 17.68 7.00
CA GLN D 8 3.92 17.45 7.02
C GLN D 8 3.18 18.78 7.15
N ASN D 9 3.74 19.73 7.91
CA ASN D 9 3.16 21.07 8.02
C ASN D 9 3.24 21.82 6.68
N ARG D 10 4.39 21.76 6.02
CA ARG D 10 4.56 22.38 4.70
C ARG D 10 3.56 21.78 3.70
N ILE D 11 3.36 20.45 3.75
CA ILE D 11 2.40 19.78 2.85
C ILE D 11 1.00 20.35 3.09
N VAL D 12 0.53 20.29 4.34
CA VAL D 12 -0.80 20.77 4.69
C VAL D 12 -0.93 22.23 4.20
N GLU D 13 0.02 23.06 4.62
CA GLU D 13 -0.06 24.48 4.40
C GLU D 13 -0.13 24.74 2.89
N ALA D 14 0.65 23.98 2.11
CA ALA D 14 0.67 24.17 0.66
C ALA D 14 -0.69 23.78 0.08
N ALA D 15 -1.27 22.66 0.53
CA ALA D 15 -2.49 22.11 -0.05
C ALA D 15 -3.69 23.03 0.20
N GLU D 16 -3.76 23.62 1.39
CA GLU D 16 -4.93 24.38 1.85
C GLU D 16 -5.05 25.73 1.11
N ARG D 17 -3.98 26.22 0.51
CA ARG D 17 -3.98 27.48 -0.25
C ARG D 17 -4.57 27.29 -1.65
N VAL D 18 -4.66 26.03 -2.11
CA VAL D 18 -5.12 25.71 -3.45
C VAL D 18 -6.62 25.93 -3.54
N PRO D 19 -7.12 26.67 -4.58
CA PRO D 19 -8.56 26.85 -4.76
C PRO D 19 -9.32 25.52 -4.78
N GLY D 20 -10.49 25.50 -4.13
CA GLY D 20 -11.40 24.36 -4.07
C GLY D 20 -11.09 23.41 -2.93
N VAL D 21 -10.02 23.68 -2.17
CA VAL D 21 -9.61 22.79 -1.06
C VAL D 21 -10.27 23.26 0.23
N ARG D 22 -10.94 22.33 0.91
CA ARG D 22 -11.57 22.54 2.22
C ARG D 22 -10.86 21.60 3.22
N GLY D 23 -9.59 21.88 3.48
CA GLY D 23 -8.80 21.20 4.50
C GLY D 23 -8.21 19.89 4.01
N VAL D 24 -7.06 19.53 4.58
CA VAL D 24 -6.45 18.21 4.43
C VAL D 24 -7.00 17.32 5.54
N ILE D 25 -7.61 16.19 5.17
CA ILE D 25 -8.34 15.34 6.13
C ILE D 25 -7.42 14.21 6.62
N HIS D 26 -6.67 13.61 5.71
CA HIS D 26 -5.74 12.54 5.98
C HIS D 26 -4.45 12.75 5.24
N LEU D 27 -3.32 12.40 5.82
CA LEU D 27 -2.01 12.49 5.21
C LEU D 27 -1.13 11.41 5.85
N ARG D 28 -0.55 10.55 5.01
CA ARG D 28 0.47 9.63 5.47
C ARG D 28 1.69 9.82 4.59
N ALA D 29 2.87 9.84 5.22
CA ALA D 29 4.14 10.17 4.56
C ALA D 29 5.25 9.31 5.16
N ARG D 30 6.11 8.76 4.28
CA ARG D 30 7.21 7.93 4.70
C ARG D 30 8.43 8.32 3.87
N TYR D 31 9.61 8.21 4.48
CA TYR D 31 10.88 8.37 3.78
C TYR D 31 11.20 7.06 3.05
N VAL D 32 11.57 7.19 1.77
CA VAL D 32 12.20 6.14 0.99
C VAL D 32 13.52 6.72 0.48
N GLY D 33 14.63 6.30 1.09
CA GLY D 33 15.86 7.04 1.02
C GLY D 33 15.63 8.49 1.42
N GLN D 34 16.24 9.43 0.72
CA GLN D 34 16.16 10.85 1.07
C GLN D 34 14.83 11.45 0.60
N ASP D 35 14.07 10.73 -0.23
CA ASP D 35 12.82 11.25 -0.79
C ASP D 35 11.64 10.80 0.06
N ILE D 36 10.46 11.35 -0.24
CA ILE D 36 9.24 11.07 0.48
C ILE D 36 8.19 10.56 -0.51
N TRP D 37 7.50 9.48 -0.11
CA TRP D 37 6.22 9.09 -0.66
C TRP D 37 5.12 9.51 0.31
N ALA D 38 4.06 10.14 -0.23
CA ALA D 38 2.92 10.60 0.56
C ALA D 38 1.62 10.29 -0.20
N ASP D 39 0.56 9.98 0.55
CA ASP D 39 -0.79 10.09 0.00
C ASP D 39 -1.67 10.86 0.98
N MET D 40 -2.59 11.66 0.43
CA MET D 40 -3.46 12.48 1.24
C MET D 40 -4.88 12.47 0.67
N ILE D 41 -5.84 12.82 1.52
CA ILE D 41 -7.21 13.05 1.13
C ILE D 41 -7.57 14.49 1.56
N ILE D 42 -8.19 15.22 0.63
CA ILE D 42 -8.64 16.58 0.82
C ILE D 42 -10.17 16.60 0.85
N GLY D 43 -10.71 17.65 1.49
CA GLY D 43 -12.10 17.97 1.44
C GLY D 43 -12.40 18.91 0.27
N VAL D 44 -13.56 18.70 -0.36
CA VAL D 44 -14.06 19.56 -1.44
C VAL D 44 -15.59 19.70 -1.31
N ASP D 45 -16.14 20.73 -1.95
CA ASP D 45 -17.59 20.93 -2.02
C ASP D 45 -18.24 19.64 -2.52
N PRO D 46 -19.22 19.05 -1.80
CA PRO D 46 -19.93 17.86 -2.28
C PRO D 46 -20.70 17.99 -3.61
N GLU D 47 -21.02 19.22 -4.01
CA GLU D 47 -21.80 19.47 -5.24
C GLU D 47 -20.86 19.52 -6.46
N ASN D 48 -19.54 19.47 -6.23
CA ASN D 48 -18.57 19.21 -7.29
C ASN D 48 -18.87 17.88 -7.98
N THR D 49 -18.59 17.85 -9.28
CA THR D 49 -18.46 16.60 -10.04
C THR D 49 -17.17 15.91 -9.61
N VAL D 50 -17.14 14.58 -9.71
CA VAL D 50 -15.90 13.82 -9.42
C VAL D 50 -14.79 14.28 -10.40
N GLU D 51 -15.15 14.57 -11.65
CA GLU D 51 -14.24 15.18 -12.65
C GLU D 51 -13.62 16.46 -12.06
N GLN D 52 -14.45 17.34 -11.51
CA GLN D 52 -14.01 18.63 -11.02
C GLN D 52 -13.15 18.44 -9.77
N ALA D 53 -13.52 17.47 -8.94
CA ALA D 53 -12.73 17.14 -7.76
C ALA D 53 -11.34 16.67 -8.21
N HIS D 54 -11.28 15.94 -9.33
CA HIS D 54 -10.01 15.42 -9.87
C HIS D 54 -9.07 16.59 -10.24
N GLU D 55 -9.64 17.67 -10.77
CA GLU D 55 -8.86 18.86 -11.16
C GLU D 55 -8.22 19.49 -9.92
N ILE D 56 -8.98 19.58 -8.81
CA ILE D 56 -8.47 20.16 -7.58
C ILE D 56 -7.34 19.29 -7.02
N CYS D 57 -7.55 17.96 -7.04
CA CYS D 57 -6.56 16.99 -6.62
C CYS D 57 -5.24 17.24 -7.39
N GLU D 58 -5.36 17.35 -8.72
CA GLU D 58 -4.25 17.64 -9.61
C GLU D 58 -3.56 18.96 -9.23
N ALA D 59 -4.35 20.01 -8.98
CA ALA D 59 -3.80 21.33 -8.59
C ALA D 59 -3.02 21.20 -7.28
N VAL D 60 -3.55 20.42 -6.32
CA VAL D 60 -2.91 20.19 -5.03
C VAL D 60 -1.59 19.44 -5.25
N GLN D 61 -1.65 18.38 -6.04
CA GLN D 61 -0.47 17.59 -6.42
C GLN D 61 0.64 18.52 -6.97
N ALA D 62 0.27 19.46 -7.83
CA ALA D 62 1.21 20.39 -8.47
C ALA D 62 1.82 21.36 -7.45
N ALA D 63 0.95 21.93 -6.60
CA ALA D 63 1.31 22.99 -5.65
C ALA D 63 2.30 22.48 -4.60
N VAL D 64 1.99 21.32 -4.02
CA VAL D 64 2.83 20.73 -2.99
C VAL D 64 4.15 20.27 -3.62
N CYS D 65 4.07 19.49 -4.70
CA CYS D 65 5.25 18.91 -5.34
C CYS D 65 6.19 20.04 -5.81
N GLY D 66 5.65 21.21 -6.16
CA GLY D 66 6.44 22.37 -6.59
C GLY D 66 7.11 23.14 -5.46
N LYS D 67 6.58 23.04 -4.23
CA LYS D 67 7.11 23.80 -3.06
C LYS D 67 8.01 22.91 -2.21
N ILE D 68 7.95 21.58 -2.42
CA ILE D 68 8.71 20.63 -1.58
C ILE D 68 9.43 19.64 -2.51
N ARG D 69 10.74 19.85 -2.68
CA ARG D 69 11.57 19.13 -3.62
C ARG D 69 11.66 17.64 -3.29
N ARG D 70 11.71 17.33 -1.99
CA ARG D 70 12.09 15.97 -1.53
C ARG D 70 10.92 14.98 -1.70
N ILE D 71 9.72 15.47 -2.05
CA ILE D 71 8.57 14.58 -2.30
C ILE D 71 8.67 14.06 -3.74
N GLU D 72 8.90 12.74 -3.88
CA GLU D 72 9.05 12.10 -5.21
C GLU D 72 7.69 11.61 -5.73
N SER D 73 6.75 11.29 -4.83
CA SER D 73 5.46 10.79 -5.21
C SER D 73 4.41 11.26 -4.20
N LEU D 74 3.28 11.76 -4.70
CA LEU D 74 2.18 12.29 -3.89
C LEU D 74 0.83 11.91 -4.52
N HIS D 75 0.14 10.95 -3.91
CA HIS D 75 -1.22 10.58 -4.32
C HIS D 75 -2.25 11.43 -3.57
N VAL D 76 -3.30 11.87 -4.26
CA VAL D 76 -4.31 12.81 -3.73
C VAL D 76 -5.71 12.35 -4.13
N SER D 77 -6.60 12.18 -3.14
CA SER D 77 -8.01 11.85 -3.33
C SER D 77 -8.87 12.91 -2.63
N ALA D 78 -10.15 12.99 -3.03
CA ALA D 78 -11.13 13.98 -2.59
C ALA D 78 -12.27 13.30 -1.84
N ASP D 79 -12.72 13.96 -0.78
CA ASP D 79 -13.83 13.54 0.06
C ASP D 79 -14.76 14.76 0.25
N ALA D 80 -16.07 14.47 0.33
CA ALA D 80 -17.10 15.47 0.65
C ALA D 80 -16.76 16.19 1.96
N ARG D 81 -16.81 17.53 1.92
CA ARG D 81 -16.52 18.38 3.10
C ARG D 81 -17.37 19.65 3.02
N GLU D 82 -18.21 19.87 4.04
CA GLU D 82 -19.43 20.67 3.79
C GLU D 82 -19.31 22.10 4.29
N ILE D 83 -18.37 22.42 5.20
CA ILE D 83 -18.42 23.70 6.03
C ILE D 83 -19.42 23.48 7.17
N SER E 2 7.95 -15.79 1.96
CA SER E 2 7.99 -17.19 1.41
C SER E 2 9.40 -17.53 0.90
N HIS E 3 9.57 -17.53 -0.43
CA HIS E 3 10.84 -17.81 -1.15
C HIS E 3 11.51 -16.49 -1.59
N MET E 4 10.66 -15.47 -1.85
CA MET E 4 11.04 -14.19 -2.44
C MET E 4 11.51 -13.22 -1.33
N GLU E 5 10.83 -13.26 -0.18
CA GLU E 5 11.16 -12.41 0.97
C GLU E 5 12.64 -12.60 1.33
N ALA E 6 13.07 -13.86 1.39
CA ALA E 6 14.45 -14.25 1.80
C ALA E 6 15.49 -13.82 0.76
N VAL E 7 15.21 -14.06 -0.51
CA VAL E 7 16.07 -13.65 -1.64
C VAL E 7 16.32 -12.13 -1.53
N GLN E 8 15.22 -11.37 -1.38
CA GLN E 8 15.27 -9.92 -1.34
C GLN E 8 16.16 -9.46 -0.17
N ASN E 9 16.13 -10.19 0.95
CA ASN E 9 16.99 -9.90 2.10
C ASN E 9 18.47 -10.14 1.74
N ARG E 10 18.76 -11.28 1.09
CA ARG E 10 20.12 -11.58 0.65
C ARG E 10 20.62 -10.48 -0.32
N ILE E 11 19.75 -10.03 -1.24
CA ILE E 11 20.11 -8.97 -2.20
C ILE E 11 20.52 -7.71 -1.42
N VAL E 12 19.63 -7.22 -0.56
CA VAL E 12 19.88 -6.00 0.20
C VAL E 12 21.19 -6.18 0.97
N GLU E 13 21.28 -7.26 1.72
CA GLU E 13 22.39 -7.48 2.62
C GLU E 13 23.69 -7.47 1.80
N ALA E 14 23.67 -8.08 0.61
CA ALA E 14 24.86 -8.14 -0.21
C ALA E 14 25.24 -6.73 -0.70
N ALA E 15 24.24 -5.95 -1.13
CA ALA E 15 24.47 -4.63 -1.73
C ALA E 15 25.07 -3.64 -0.71
N GLU E 16 24.58 -3.70 0.53
CA GLU E 16 24.89 -2.70 1.57
C GLU E 16 26.34 -2.83 2.07
N ARG E 17 26.97 -4.00 1.88
CA ARG E 17 28.36 -4.24 2.29
C ARG E 17 29.35 -3.61 1.29
N VAL E 18 28.89 -3.27 0.08
CA VAL E 18 29.74 -2.74 -0.97
C VAL E 18 30.14 -1.30 -0.65
N PRO E 19 31.45 -0.96 -0.70
CA PRO E 19 31.90 0.41 -0.47
C PRO E 19 31.14 1.42 -1.35
N GLY E 20 30.80 2.57 -0.75
CA GLY E 20 30.13 3.69 -1.41
C GLY E 20 28.61 3.56 -1.42
N VAL E 21 28.07 2.45 -0.89
CA VAL E 21 26.63 2.21 -0.85
C VAL E 21 26.07 2.75 0.49
N ARG E 22 25.06 3.60 0.37
CA ARG E 22 24.32 4.16 1.50
C ARG E 22 22.87 3.66 1.39
N GLY E 23 22.69 2.36 1.60
CA GLY E 23 21.39 1.72 1.67
C GLY E 23 20.82 1.40 0.29
N VAL E 24 20.03 0.32 0.22
CA VAL E 24 19.21 0.03 -0.95
C VAL E 24 17.85 0.72 -0.76
N ILE E 25 17.46 1.57 -1.72
CA ILE E 25 16.30 2.45 -1.57
C ILE E 25 15.06 1.80 -2.21
N HIS E 26 15.22 1.21 -3.39
CA HIS E 26 14.14 0.53 -4.11
C HIS E 26 14.66 -0.81 -4.65
N LEU E 27 13.79 -1.81 -4.69
CA LEU E 27 14.11 -3.13 -5.20
C LEU E 27 12.83 -3.79 -5.70
N ARG E 28 12.84 -4.23 -6.96
CA ARG E 28 11.75 -4.96 -7.58
C ARG E 28 12.38 -6.26 -8.13
N ALA E 29 11.71 -7.39 -7.92
CA ALA E 29 12.25 -8.71 -8.30
C ALA E 29 11.09 -9.63 -8.71
N ARG E 30 11.28 -10.38 -9.81
CA ARG E 30 10.28 -11.31 -10.31
C ARG E 30 11.00 -12.59 -10.74
N TYR E 31 10.32 -13.72 -10.61
CA TYR E 31 10.79 -15.00 -11.15
C TYR E 31 10.44 -15.06 -12.63
N VAL E 32 11.43 -15.45 -13.44
CA VAL E 32 11.23 -15.86 -14.83
C VAL E 32 11.82 -17.27 -14.94
N GLY E 33 10.96 -18.28 -14.99
CA GLY E 33 11.38 -19.63 -14.74
C GLY E 33 12.05 -19.69 -13.38
N GLN E 34 13.14 -20.48 -13.27
CA GLN E 34 13.84 -20.72 -12.02
C GLN E 34 14.67 -19.49 -11.61
N ASP E 35 14.92 -18.57 -12.56
CA ASP E 35 15.85 -17.46 -12.36
C ASP E 35 15.07 -16.22 -11.95
N ILE E 36 15.81 -15.17 -11.58
CA ILE E 36 15.25 -13.93 -11.11
C ILE E 36 15.75 -12.78 -11.98
N TRP E 37 14.82 -11.90 -12.37
CA TRP E 37 15.15 -10.55 -12.86
C TRP E 37 14.86 -9.56 -11.73
N ALA E 38 15.79 -8.63 -11.50
CA ALA E 38 15.68 -7.62 -10.47
C ALA E 38 16.22 -6.28 -10.97
N ASP E 39 15.62 -5.17 -10.55
CA ASP E 39 16.26 -3.87 -10.64
C ASP E 39 16.17 -3.16 -9.28
N MET E 40 17.23 -2.42 -8.95
CA MET E 40 17.30 -1.73 -7.67
C MET E 40 17.91 -0.35 -7.85
N ILE E 41 17.65 0.53 -6.88
CA ILE E 41 18.30 1.81 -6.75
C ILE E 41 18.99 1.87 -5.39
N ILE E 42 20.24 2.34 -5.39
CA ILE E 42 21.07 2.48 -4.22
C ILE E 42 21.29 3.98 -3.95
N GLY E 43 21.59 4.29 -2.69
CA GLY E 43 22.00 5.60 -2.28
C GLY E 43 23.51 5.73 -2.32
N VAL E 44 24.00 6.90 -2.75
CA VAL E 44 25.41 7.22 -2.84
C VAL E 44 25.63 8.68 -2.42
N ASP E 45 26.87 9.01 -2.03
CA ASP E 45 27.26 10.36 -1.70
C ASP E 45 26.86 11.28 -2.85
N PRO E 46 26.09 12.36 -2.62
CA PRO E 46 25.73 13.29 -3.69
C PRO E 46 26.92 14.01 -4.39
N GLU E 47 28.07 14.10 -3.71
CA GLU E 47 29.23 14.83 -4.24
C GLU E 47 30.06 13.91 -5.15
N ASN E 48 29.70 12.63 -5.23
CA ASN E 48 30.21 11.72 -6.25
C ASN E 48 29.90 12.28 -7.65
N THR E 49 30.80 11.98 -8.59
CA THR E 49 30.53 12.10 -10.01
C THR E 49 29.54 11.00 -10.42
N VAL E 50 28.73 11.26 -11.43
CA VAL E 50 27.82 10.22 -11.96
C VAL E 50 28.65 9.02 -12.47
N GLU E 51 29.82 9.30 -13.07
CA GLU E 51 30.82 8.27 -13.43
C GLU E 51 31.15 7.39 -12.22
N GLN E 52 31.45 8.02 -11.09
CA GLN E 52 31.87 7.31 -9.88
C GLN E 52 30.69 6.53 -9.30
N ALA E 53 29.50 7.10 -9.39
CA ALA E 53 28.29 6.42 -8.95
C ALA E 53 28.10 5.15 -9.80
N HIS E 54 28.44 5.24 -11.09
CA HIS E 54 28.31 4.09 -12.02
C HIS E 54 29.23 2.95 -11.58
N GLU E 55 30.42 3.28 -11.07
CA GLU E 55 31.38 2.28 -10.60
C GLU E 55 30.80 1.52 -9.39
N ILE E 56 30.15 2.24 -8.48
CA ILE E 56 29.54 1.63 -7.29
C ILE E 56 28.41 0.69 -7.72
N CYS E 57 27.58 1.17 -8.66
CA CYS E 57 26.49 0.38 -9.23
C CYS E 57 27.05 -0.95 -9.76
N GLU E 58 28.12 -0.85 -10.55
CA GLU E 58 28.83 -2.02 -11.11
C GLU E 58 29.33 -2.94 -9.99
N ALA E 59 29.95 -2.37 -8.95
CA ALA E 59 30.45 -3.16 -7.81
C ALA E 59 29.30 -3.91 -7.13
N VAL E 60 28.15 -3.23 -6.98
CA VAL E 60 26.97 -3.83 -6.36
C VAL E 60 26.46 -4.97 -7.25
N GLN E 61 26.35 -4.71 -8.55
CA GLN E 61 25.95 -5.72 -9.54
C GLN E 61 26.82 -6.99 -9.40
N ALA E 62 28.14 -6.81 -9.24
CA ALA E 62 29.10 -7.92 -9.12
C ALA E 62 28.90 -8.69 -7.80
N ALA E 63 28.75 -7.95 -6.69
CA ALA E 63 28.69 -8.51 -5.34
C ALA E 63 27.44 -9.38 -5.14
N VAL E 64 26.29 -8.85 -5.56
CA VAL E 64 25.02 -9.55 -5.43
C VAL E 64 25.02 -10.77 -6.36
N CYS E 65 25.34 -10.55 -7.64
CA CYS E 65 25.30 -11.61 -8.65
C CYS E 65 26.26 -12.75 -8.26
N GLY E 66 27.34 -12.43 -7.55
CA GLY E 66 28.32 -13.42 -7.07
C GLY E 66 27.88 -14.21 -5.84
N LYS E 67 26.95 -13.67 -5.04
CA LYS E 67 26.45 -14.34 -3.82
C LYS E 67 25.12 -15.08 -4.09
N ILE E 68 24.44 -14.76 -5.19
CA ILE E 68 23.10 -15.29 -5.46
C ILE E 68 23.05 -15.80 -6.91
N ARG E 69 23.16 -17.13 -7.08
CA ARG E 69 23.29 -17.77 -8.38
C ARG E 69 22.07 -17.55 -9.27
N ARG E 70 20.88 -17.55 -8.65
CA ARG E 70 19.61 -17.64 -9.38
C ARG E 70 19.25 -16.31 -10.03
N ILE E 71 19.97 -15.22 -9.74
CA ILE E 71 19.71 -13.91 -10.38
C ILE E 71 20.40 -13.90 -11.74
N GLU E 72 19.59 -13.85 -12.81
CA GLU E 72 20.12 -13.86 -14.21
C GLU E 72 20.34 -12.44 -14.73
N SER E 73 19.58 -11.47 -14.19
CA SER E 73 19.68 -10.09 -14.61
C SER E 73 19.41 -9.17 -13.42
N LEU E 74 20.27 -8.17 -13.24
CA LEU E 74 20.19 -7.22 -12.12
C LEU E 74 20.58 -5.83 -12.61
N HIS E 75 19.59 -4.95 -12.79
CA HIS E 75 19.83 -3.56 -13.13
C HIS E 75 20.00 -2.73 -11.84
N VAL E 76 20.94 -1.77 -11.86
CA VAL E 76 21.29 -0.98 -10.66
C VAL E 76 21.46 0.50 -11.04
N SER E 77 20.75 1.39 -10.35
CA SER E 77 20.85 2.84 -10.51
C SER E 77 21.19 3.48 -9.16
N ALA E 78 21.69 4.72 -9.20
CA ALA E 78 22.14 5.49 -8.05
C ALA E 78 21.25 6.72 -7.84
N ASP E 79 21.03 7.02 -6.56
CA ASP E 79 20.28 8.19 -6.10
C ASP E 79 21.10 8.87 -4.99
N ALA E 80 21.03 10.20 -4.94
CA ALA E 80 21.61 11.01 -3.86
C ALA E 80 21.07 10.54 -2.50
N ARG E 81 21.99 10.31 -1.56
CA ARG E 81 21.65 9.88 -0.20
C ARG E 81 22.67 10.43 0.80
N GLU E 82 22.19 11.18 1.80
CA GLU E 82 23.05 11.75 2.81
C GLU E 82 23.24 10.77 3.97
N ILE E 83 24.20 11.15 4.82
CA ILE E 83 24.69 10.52 6.07
C ILE E 83 24.46 8.99 6.02
N HIS F 3 -3.73 -10.25 -33.25
CA HIS F 3 -2.36 -9.85 -33.66
C HIS F 3 -1.32 -10.71 -32.91
N MET F 4 -0.38 -10.08 -32.19
CA MET F 4 0.80 -10.75 -31.61
C MET F 4 0.47 -11.42 -30.26
N GLU F 5 -0.32 -10.73 -29.44
CA GLU F 5 -0.74 -11.21 -28.12
C GLU F 5 -1.33 -12.63 -28.26
N ALA F 6 -2.25 -12.80 -29.24
CA ALA F 6 -3.01 -14.04 -29.44
C ALA F 6 -2.10 -15.16 -29.99
N VAL F 7 -1.25 -14.83 -30.97
CA VAL F 7 -0.29 -15.80 -31.53
C VAL F 7 0.59 -16.34 -30.40
N GLN F 8 1.11 -15.45 -29.57
CA GLN F 8 2.00 -15.81 -28.47
C GLN F 8 1.29 -16.76 -27.51
N ASN F 9 -0.02 -16.58 -27.30
CA ASN F 9 -0.81 -17.48 -26.47
C ASN F 9 -0.92 -18.87 -27.13
N ARG F 10 -1.20 -18.91 -28.43
CA ARG F 10 -1.24 -20.17 -29.17
C ARG F 10 0.12 -20.89 -29.08
N ILE F 11 1.23 -20.14 -29.19
CA ILE F 11 2.57 -20.72 -29.09
C ILE F 11 2.74 -21.37 -27.71
N VAL F 12 2.51 -20.60 -26.65
CA VAL F 12 2.67 -21.10 -25.29
C VAL F 12 1.81 -22.36 -25.13
N GLU F 13 0.55 -22.24 -25.47
CA GLU F 13 -0.42 -23.29 -25.23
C GLU F 13 0.05 -24.56 -25.95
N ALA F 14 0.56 -24.40 -27.17
CA ALA F 14 1.02 -25.55 -27.93
C ALA F 14 2.25 -26.19 -27.27
N ALA F 15 3.19 -25.36 -26.81
CA ALA F 15 4.48 -25.84 -26.25
C ALA F 15 4.27 -26.62 -24.95
N GLU F 16 3.36 -26.15 -24.11
CA GLU F 16 3.20 -26.66 -22.74
C GLU F 16 2.52 -28.04 -22.74
N ARG F 17 1.83 -28.43 -23.83
CA ARG F 17 1.21 -29.74 -23.95
C ARG F 17 2.25 -30.84 -24.25
N VAL F 18 3.43 -30.44 -24.73
CA VAL F 18 4.46 -31.38 -25.16
C VAL F 18 5.10 -32.06 -23.95
N PRO F 19 5.20 -33.40 -23.93
CA PRO F 19 5.88 -34.10 -22.84
C PRO F 19 7.30 -33.56 -22.61
N GLY F 20 7.67 -33.46 -21.33
CA GLY F 20 8.98 -33.02 -20.86
C GLY F 20 9.08 -31.51 -20.71
N VAL F 21 8.01 -30.77 -21.09
CA VAL F 21 8.00 -29.31 -21.00
C VAL F 21 7.45 -28.88 -19.63
N ARG F 22 8.23 -28.05 -18.94
CA ARG F 22 7.85 -27.42 -17.67
C ARG F 22 7.81 -25.91 -17.90
N GLY F 23 6.82 -25.48 -18.69
CA GLY F 23 6.51 -24.06 -18.90
C GLY F 23 7.40 -23.42 -19.95
N VAL F 24 6.86 -22.40 -20.62
CA VAL F 24 7.57 -21.49 -21.48
C VAL F 24 8.13 -20.36 -20.63
N ILE F 25 9.45 -20.15 -20.67
CA ILE F 25 10.14 -19.20 -19.79
C ILE F 25 10.29 -17.86 -20.49
N HIS F 26 10.72 -17.89 -21.76
CA HIS F 26 10.94 -16.70 -22.58
C HIS F 26 10.36 -16.93 -23.97
N LEU F 27 9.89 -15.86 -24.60
CA LEU F 27 9.36 -15.92 -25.96
C LEU F 27 9.49 -14.54 -26.60
N ARG F 28 10.13 -14.48 -27.77
CA ARG F 28 10.22 -13.27 -28.58
C ARG F 28 9.67 -13.64 -29.97
N ALA F 29 8.85 -12.77 -30.56
CA ALA F 29 8.25 -13.03 -31.88
C ALA F 29 8.10 -11.72 -32.65
N ARG F 30 8.43 -11.73 -33.94
CA ARG F 30 8.30 -10.55 -34.81
C ARG F 30 7.73 -11.00 -36.15
N TYR F 31 6.95 -10.12 -36.78
CA TYR F 31 6.44 -10.31 -38.13
C TYR F 31 7.54 -9.93 -39.13
N VAL F 32 7.76 -10.81 -40.10
CA VAL F 32 8.48 -10.47 -41.33
C VAL F 32 7.55 -10.81 -42.49
N GLY F 33 7.01 -9.76 -43.13
CA GLY F 33 5.85 -9.94 -43.98
C GLY F 33 4.75 -10.62 -43.19
N GLN F 34 4.02 -11.53 -43.81
CA GLN F 34 2.95 -12.26 -43.18
C GLN F 34 3.36 -13.28 -42.21
N ASP F 35 4.59 -13.67 -42.27
CA ASP F 35 5.08 -14.78 -41.47
C ASP F 35 5.70 -14.25 -40.18
N ILE F 36 6.02 -15.18 -39.27
CA ILE F 36 6.57 -14.87 -37.97
C ILE F 36 7.90 -15.61 -37.79
N TRP F 37 8.90 -14.88 -37.30
CA TRP F 37 10.10 -15.47 -36.71
C TRP F 37 9.97 -15.37 -35.18
N ALA F 38 10.29 -16.46 -34.49
CA ALA F 38 10.18 -16.55 -33.04
C ALA F 38 11.37 -17.35 -32.48
N ASP F 39 11.82 -16.99 -31.28
CA ASP F 39 12.63 -17.88 -30.48
C ASP F 39 12.08 -17.94 -29.06
N MET F 40 12.17 -19.11 -28.43
CA MET F 40 11.67 -19.32 -27.09
C MET F 40 12.62 -20.20 -26.29
N ILE F 41 12.51 -20.11 -24.97
CA ILE F 41 13.18 -21.00 -24.05
C ILE F 41 12.11 -21.71 -23.21
N ILE F 42 12.27 -23.02 -23.06
CA ILE F 42 11.37 -23.87 -22.29
C ILE F 42 12.13 -24.41 -21.07
N GLY F 43 11.36 -24.77 -20.04
CA GLY F 43 11.89 -25.39 -18.83
C GLY F 43 11.82 -26.91 -18.98
N VAL F 44 12.85 -27.59 -18.48
CA VAL F 44 12.93 -29.05 -18.49
C VAL F 44 13.56 -29.52 -17.17
N ASP F 45 13.31 -30.79 -16.82
CA ASP F 45 13.92 -31.45 -15.68
C ASP F 45 15.44 -31.25 -15.75
N PRO F 46 16.09 -30.69 -14.70
CA PRO F 46 17.55 -30.56 -14.68
C PRO F 46 18.36 -31.87 -14.77
N GLU F 47 17.75 -33.01 -14.46
CA GLU F 47 18.45 -34.31 -14.46
C GLU F 47 18.44 -34.91 -15.88
N ASN F 48 17.71 -34.28 -16.82
CA ASN F 48 17.82 -34.57 -18.24
C ASN F 48 19.26 -34.33 -18.71
N THR F 49 19.68 -35.15 -19.68
CA THR F 49 20.85 -34.89 -20.49
C THR F 49 20.54 -33.72 -21.43
N VAL F 50 21.58 -32.96 -21.81
CA VAL F 50 21.42 -31.89 -22.82
C VAL F 50 20.91 -32.50 -24.14
N GLU F 51 21.38 -33.72 -24.49
CA GLU F 51 20.85 -34.50 -25.63
C GLU F 51 19.33 -34.65 -25.51
N GLN F 52 18.86 -35.06 -24.32
CA GLN F 52 17.45 -35.34 -24.09
C GLN F 52 16.66 -34.03 -24.10
N ALA F 53 17.24 -32.97 -23.59
CA ALA F 53 16.63 -31.65 -23.62
C ALA F 53 16.46 -31.22 -25.09
N HIS F 54 17.42 -31.58 -25.93
CA HIS F 54 17.39 -31.23 -27.37
C HIS F 54 16.17 -31.91 -28.04
N GLU F 55 15.86 -33.14 -27.62
CA GLU F 55 14.73 -33.89 -28.18
C GLU F 55 13.41 -33.19 -27.83
N ILE F 56 13.30 -32.69 -26.60
CA ILE F 56 12.09 -31.99 -26.17
C ILE F 56 11.94 -30.70 -26.99
N CYS F 57 13.05 -29.96 -27.15
CA CYS F 57 13.09 -28.74 -27.95
C CYS F 57 12.54 -29.04 -29.36
N GLU F 58 13.05 -30.11 -29.98
CA GLU F 58 12.62 -30.58 -31.30
C GLU F 58 11.11 -30.89 -31.29
N ALA F 59 10.64 -31.60 -30.27
CA ALA F 59 9.21 -31.96 -30.15
C ALA F 59 8.35 -30.68 -30.08
N VAL F 60 8.82 -29.70 -29.30
CA VAL F 60 8.12 -28.41 -29.15
C VAL F 60 8.10 -27.69 -30.50
N GLN F 61 9.25 -27.62 -31.16
CA GLN F 61 9.38 -27.03 -32.50
C GLN F 61 8.33 -27.63 -33.46
N ALA F 62 8.17 -28.97 -33.42
CA ALA F 62 7.23 -29.68 -34.31
C ALA F 62 5.77 -29.34 -33.97
N ALA F 63 5.45 -29.35 -32.67
CA ALA F 63 4.07 -29.20 -32.16
C ALA F 63 3.52 -27.80 -32.49
N VAL F 64 4.33 -26.77 -32.20
CA VAL F 64 3.96 -25.39 -32.44
C VAL F 64 3.83 -25.14 -33.95
N CYS F 65 4.88 -25.49 -34.69
CA CYS F 65 4.95 -25.23 -36.13
C CYS F 65 3.79 -25.94 -36.86
N GLY F 66 3.33 -27.08 -36.31
CA GLY F 66 2.19 -27.83 -36.88
C GLY F 66 0.82 -27.22 -36.57
N LYS F 67 0.70 -26.44 -35.49
CA LYS F 67 -0.59 -25.84 -35.08
C LYS F 67 -0.71 -24.38 -35.57
N ILE F 68 0.42 -23.77 -35.97
CA ILE F 68 0.45 -22.36 -36.35
C ILE F 68 1.19 -22.22 -37.69
N ARG F 69 0.42 -22.05 -38.78
CA ARG F 69 0.94 -22.02 -40.14
C ARG F 69 1.88 -20.84 -40.36
N ARG F 70 1.57 -19.69 -39.75
CA ARG F 70 2.22 -18.42 -40.12
C ARG F 70 3.64 -18.32 -39.55
N ILE F 71 4.05 -19.25 -38.69
CA ILE F 71 5.41 -19.26 -38.13
C ILE F 71 6.33 -19.93 -39.13
N GLU F 72 7.26 -19.15 -39.70
CA GLU F 72 8.21 -19.68 -40.72
C GLU F 72 9.50 -20.19 -40.06
N SER F 73 9.85 -19.65 -38.88
CA SER F 73 11.05 -20.04 -38.19
C SER F 73 10.82 -19.93 -36.68
N LEU F 74 11.23 -20.98 -35.95
CA LEU F 74 11.06 -21.07 -34.51
C LEU F 74 12.30 -21.72 -33.88
N HIS F 75 13.13 -20.91 -33.20
CA HIS F 75 14.27 -21.42 -32.44
C HIS F 75 13.83 -21.75 -31.02
N VAL F 76 14.34 -22.86 -30.46
CA VAL F 76 13.92 -23.37 -29.15
C VAL F 76 15.15 -23.82 -28.35
N SER F 77 15.31 -23.29 -27.14
CA SER F 77 16.36 -23.68 -26.20
C SER F 77 15.73 -24.13 -24.88
N ALA F 78 16.53 -24.87 -24.07
CA ALA F 78 16.09 -25.47 -22.81
C ALA F 78 16.84 -24.83 -21.64
N ASP F 79 16.10 -24.67 -20.53
CA ASP F 79 16.62 -24.13 -19.29
C ASP F 79 16.16 -25.06 -18.14
N ALA F 80 17.02 -25.18 -17.12
CA ALA F 80 16.70 -25.95 -15.92
C ALA F 80 15.45 -25.37 -15.26
N ARG F 81 14.49 -26.25 -14.93
CA ARG F 81 13.24 -25.85 -14.28
C ARG F 81 12.77 -26.96 -13.33
N GLU F 82 12.64 -26.63 -12.05
CA GLU F 82 12.16 -27.57 -11.06
C GLU F 82 10.63 -27.47 -11.00
N ILE F 83 10.02 -28.47 -10.36
CA ILE F 83 8.56 -28.61 -10.32
C ILE F 83 8.08 -27.90 -9.04
N GLY F 84 7.57 -26.68 -9.23
CA GLY F 84 7.01 -25.85 -8.15
C GLY F 84 6.17 -24.70 -8.69
N HIS G 3 11.29 9.47 27.13
CA HIS G 3 10.18 9.94 26.24
C HIS G 3 8.87 9.19 26.57
N MET G 4 7.89 9.34 25.65
CA MET G 4 6.66 8.54 25.58
C MET G 4 6.92 7.16 24.95
N GLU G 5 7.79 7.13 23.93
CA GLU G 5 8.22 5.92 23.24
C GLU G 5 8.70 4.90 24.29
N ALA G 6 9.55 5.34 25.23
CA ALA G 6 10.18 4.47 26.25
C ALA G 6 9.15 3.95 27.28
N VAL G 7 8.28 4.84 27.75
CA VAL G 7 7.21 4.45 28.68
C VAL G 7 6.35 3.36 28.04
N GLN G 8 5.96 3.58 26.78
CA GLN G 8 5.11 2.66 26.03
C GLN G 8 5.80 1.30 25.90
N ASN G 9 7.14 1.28 25.79
CA ASN G 9 7.91 0.03 25.77
C ASN G 9 7.83 -0.68 27.11
N ARG G 10 8.00 0.06 28.21
CA ARG G 10 7.86 -0.51 29.55
C ARG G 10 6.45 -1.10 29.74
N ILE G 11 5.42 -0.40 29.25
CA ILE G 11 4.03 -0.88 29.34
C ILE G 11 3.91 -2.23 28.61
N VAL G 12 4.29 -2.26 27.33
CA VAL G 12 4.19 -3.46 26.51
C VAL G 12 4.94 -4.58 27.22
N GLU G 13 6.19 -4.31 27.57
CA GLU G 13 7.08 -5.31 28.08
C GLU G 13 6.47 -5.89 29.36
N ALA G 14 5.88 -5.04 30.20
CA ALA G 14 5.27 -5.50 31.44
C ALA G 14 4.07 -6.40 31.14
N ALA G 15 3.23 -5.98 30.19
CA ALA G 15 1.96 -6.67 29.90
C ALA G 15 2.19 -8.08 29.34
N GLU G 16 3.21 -8.22 28.46
CA GLU G 16 3.43 -9.43 27.70
C GLU G 16 3.96 -10.58 28.58
N ARG G 17 4.55 -10.24 29.73
CA ARG G 17 5.08 -11.23 30.67
C ARG G 17 3.97 -11.88 31.49
N VAL G 18 2.79 -11.27 31.53
CA VAL G 18 1.66 -11.76 32.33
C VAL G 18 1.09 -13.02 31.69
N PRO G 19 0.92 -14.12 32.45
CA PRO G 19 0.36 -15.36 31.90
C PRO G 19 -1.02 -15.10 31.24
N GLY G 20 -1.26 -15.77 30.10
CA GLY G 20 -2.51 -15.68 29.34
C GLY G 20 -2.53 -14.53 28.34
N VAL G 21 -1.48 -13.70 28.33
CA VAL G 21 -1.37 -12.59 27.38
C VAL G 21 -0.67 -13.07 26.09
N ARG G 22 -1.34 -12.82 24.96
CA ARG G 22 -0.84 -13.11 23.63
C ARG G 22 -0.69 -11.78 22.89
N GLY G 23 0.29 -10.97 23.35
CA GLY G 23 0.71 -9.72 22.71
C GLY G 23 -0.21 -8.55 23.06
N VAL G 24 0.35 -7.34 23.03
CA VAL G 24 -0.39 -6.10 23.12
C VAL G 24 -0.79 -5.69 21.70
N ILE G 25 -2.09 -5.50 21.47
CA ILE G 25 -2.62 -5.26 20.12
C ILE G 25 -2.77 -3.75 19.89
N HIS G 26 -3.33 -3.04 20.88
CA HIS G 26 -3.53 -1.60 20.83
C HIS G 26 -3.06 -0.94 22.12
N LEU G 27 -2.56 0.29 22.02
CA LEU G 27 -2.12 1.05 23.18
C LEU G 27 -2.18 2.54 22.83
N ARG G 28 -2.91 3.33 23.64
CA ARG G 28 -2.85 4.76 23.58
C ARG G 28 -2.49 5.26 24.99
N ALA G 29 -1.58 6.24 25.06
CA ALA G 29 -1.17 6.86 26.32
C ALA G 29 -0.97 8.37 26.12
N ARG G 30 -1.45 9.17 27.08
CA ARG G 30 -1.36 10.62 27.04
C ARG G 30 -0.96 11.11 28.43
N TYR G 31 -0.22 12.22 28.47
CA TYR G 31 0.09 12.91 29.71
C TYR G 31 -1.09 13.79 30.10
N VAL G 32 -1.50 13.69 31.37
CA VAL G 32 -2.39 14.63 32.01
C VAL G 32 -1.66 15.13 33.26
N GLY G 33 -1.16 16.36 33.21
CA GLY G 33 -0.14 16.78 34.13
C GLY G 33 1.03 15.82 34.08
N GLN G 34 1.60 15.52 35.24
CA GLN G 34 2.80 14.70 35.35
C GLN G 34 2.47 13.21 35.13
N ASP G 35 1.17 12.86 35.22
CA ASP G 35 0.72 11.46 35.24
C ASP G 35 0.29 11.05 33.84
N ILE G 36 0.00 9.75 33.67
CA ILE G 36 -0.37 9.19 32.38
C ILE G 36 -1.73 8.50 32.52
N TRP G 37 -2.61 8.77 31.55
CA TRP G 37 -3.80 7.96 31.30
C TRP G 37 -3.51 7.11 30.06
N ALA G 38 -3.87 5.82 30.15
CA ALA G 38 -3.59 4.84 29.10
C ALA G 38 -4.77 3.87 28.97
N ASP G 39 -5.04 3.41 27.75
CA ASP G 39 -5.90 2.24 27.57
C ASP G 39 -5.23 1.34 26.53
N MET G 40 -5.37 0.03 26.72
CA MET G 40 -4.76 -0.95 25.87
C MET G 40 -5.70 -2.13 25.66
N ILE G 41 -5.46 -2.87 24.58
CA ILE G 41 -6.12 -4.12 24.30
C ILE G 41 -5.05 -5.20 24.14
N ILE G 42 -5.30 -6.34 24.80
CA ILE G 42 -4.41 -7.50 24.77
C ILE G 42 -5.12 -8.62 24.00
N GLY G 43 -4.30 -9.55 23.47
CA GLY G 43 -4.77 -10.77 22.91
C GLY G 43 -4.85 -11.87 23.95
N VAL G 44 -5.89 -12.70 23.87
CA VAL G 44 -6.05 -13.88 24.73
C VAL G 44 -6.62 -15.04 23.91
N ASP G 45 -6.45 -16.27 24.42
CA ASP G 45 -7.04 -17.47 23.82
C ASP G 45 -8.54 -17.22 23.61
N PRO G 46 -9.08 -17.38 22.39
CA PRO G 46 -10.52 -17.22 22.15
C PRO G 46 -11.45 -18.17 22.93
N GLU G 47 -10.92 -19.32 23.40
CA GLU G 47 -11.73 -20.32 24.10
C GLU G 47 -11.84 -19.97 25.59
N ASN G 48 -11.12 -18.94 26.04
CA ASN G 48 -11.37 -18.32 27.33
C ASN G 48 -12.82 -17.82 27.43
N THR G 49 -13.36 -17.88 28.65
CA THR G 49 -14.57 -17.17 29.02
C THR G 49 -14.23 -15.68 29.11
N VAL G 50 -15.21 -14.81 28.87
CA VAL G 50 -15.04 -13.36 29.07
C VAL G 50 -14.64 -13.09 30.53
N GLU G 51 -15.22 -13.85 31.49
CA GLU G 51 -14.80 -13.84 32.91
C GLU G 51 -13.29 -14.05 33.02
N GLN G 52 -12.78 -15.09 32.35
CA GLN G 52 -11.38 -15.48 32.47
C GLN G 52 -10.49 -14.44 31.78
N ALA G 53 -10.98 -13.87 30.67
CA ALA G 53 -10.27 -12.81 29.99
C ALA G 53 -10.16 -11.60 30.93
N HIS G 54 -11.21 -11.35 31.72
CA HIS G 54 -11.25 -10.22 32.66
C HIS G 54 -10.15 -10.39 33.72
N GLU G 55 -9.90 -11.63 34.16
CA GLU G 55 -8.86 -11.91 35.17
C GLU G 55 -7.49 -11.55 34.61
N ILE G 56 -7.24 -11.89 33.35
CA ILE G 56 -5.94 -11.60 32.72
C ILE G 56 -5.76 -10.09 32.62
N CYS G 57 -6.83 -9.40 32.17
CA CYS G 57 -6.84 -7.93 32.07
C CYS G 57 -6.47 -7.32 33.42
N GLU G 58 -7.10 -7.80 34.49
CA GLU G 58 -6.83 -7.38 35.86
C GLU G 58 -5.36 -7.63 36.22
N ALA G 59 -4.84 -8.81 35.91
CA ALA G 59 -3.44 -9.14 36.21
C ALA G 59 -2.51 -8.17 35.47
N VAL G 60 -2.83 -7.87 34.20
CA VAL G 60 -2.06 -6.93 33.39
C VAL G 60 -2.11 -5.53 34.03
N GLN G 61 -3.31 -5.08 34.38
CA GLN G 61 -3.54 -3.81 35.07
C GLN G 61 -2.64 -3.70 36.31
N ALA G 62 -2.55 -4.78 37.10
CA ALA G 62 -1.74 -4.81 38.34
C ALA G 62 -0.25 -4.74 38.02
N ALA G 63 0.20 -5.53 37.05
CA ALA G 63 1.62 -5.71 36.69
C ALA G 63 2.22 -4.39 36.17
N VAL G 64 1.50 -3.75 35.23
CA VAL G 64 1.96 -2.51 34.62
C VAL G 64 1.93 -1.39 35.67
N CYS G 65 0.78 -1.23 36.34
CA CYS G 65 0.58 -0.15 37.31
C CYS G 65 1.61 -0.28 38.45
N GLY G 66 2.06 -1.49 38.77
CA GLY G 66 3.07 -1.75 39.80
C GLY G 66 4.51 -1.47 39.36
N LYS G 67 4.78 -1.50 38.05
CA LYS G 67 6.15 -1.28 37.51
C LYS G 67 6.31 0.17 37.03
N ILE G 68 5.21 0.90 36.85
CA ILE G 68 5.24 2.26 36.30
C ILE G 68 4.36 3.16 37.16
N ARG G 69 4.96 3.90 38.10
CA ARG G 69 4.11 4.62 39.07
C ARG G 69 3.48 5.88 38.44
N ARG G 70 3.99 6.40 37.32
CA ARG G 70 3.50 7.58 36.63
CA ARG G 70 3.52 7.61 36.63
C ARG G 70 2.11 7.40 36.02
N ILE G 71 1.69 6.13 35.85
CA ILE G 71 0.39 5.81 35.26
C ILE G 71 -0.68 5.89 36.37
N GLU G 72 -1.59 6.87 36.24
CA GLU G 72 -2.70 7.14 37.15
C GLU G 72 -3.92 6.26 36.87
N SER G 73 -4.13 5.98 35.57
CA SER G 73 -5.29 5.27 35.10
C SER G 73 -4.90 4.41 33.89
N LEU G 74 -5.34 3.14 33.91
CA LEU G 74 -5.01 2.17 32.87
C LEU G 74 -6.21 1.26 32.60
N HIS G 75 -6.91 1.49 31.47
CA HIS G 75 -7.99 0.61 31.04
C HIS G 75 -7.40 -0.53 30.18
N VAL G 76 -7.91 -1.75 30.36
CA VAL G 76 -7.41 -2.94 29.68
C VAL G 76 -8.59 -3.80 29.22
N SER G 77 -8.64 -4.08 27.90
CA SER G 77 -9.63 -4.96 27.30
C SER G 77 -8.93 -6.11 26.58
N ALA G 78 -9.70 -7.19 26.32
CA ALA G 78 -9.22 -8.42 25.73
C ALA G 78 -9.88 -8.63 24.36
N ASP G 79 -9.07 -9.12 23.42
CA ASP G 79 -9.50 -9.45 22.08
C ASP G 79 -9.00 -10.87 21.76
N ALA G 80 -9.80 -11.61 20.96
CA ALA G 80 -9.42 -12.92 20.46
C ALA G 80 -8.08 -12.85 19.71
N ARG G 81 -7.16 -13.76 20.07
CA ARG G 81 -5.83 -13.83 19.43
C ARG G 81 -5.37 -15.28 19.37
N GLU G 82 -5.05 -15.72 18.16
CA GLU G 82 -4.27 -16.90 17.87
C GLU G 82 -5.18 -18.14 18.04
N UNK H 1 -13.85 31.58 3.46
CA UNK H 1 -15.16 30.84 3.34
C UNK H 1 -15.23 29.73 4.41
N UNK H 2 -14.53 28.62 4.17
CA UNK H 2 -14.36 27.54 5.16
C UNK H 2 -13.18 27.92 6.07
N UNK H 3 -12.11 28.39 5.41
CA UNK H 3 -10.96 28.98 6.04
C UNK H 3 -11.40 30.00 7.12
N UNK H 4 -12.41 30.82 6.81
CA UNK H 4 -12.95 31.83 7.75
C UNK H 4 -13.69 31.18 8.94
N UNK H 5 -14.37 30.04 8.72
CA UNK H 5 -15.17 29.35 9.76
C UNK H 5 -14.24 28.62 10.75
N UNK H 6 -13.28 27.85 10.22
CA UNK H 6 -12.36 26.95 11.02
C UNK H 6 -11.26 27.76 11.73
N UNK H 7 -11.11 29.04 11.36
CA UNK H 7 -10.24 30.00 12.03
C UNK H 7 -11.08 31.04 12.83
N UNK H 8 -12.29 30.62 13.26
CA UNK H 8 -13.24 31.42 14.07
C UNK H 8 -13.90 30.54 15.15
CD CD I . -4.73 6.44 -8.08
CD CD J . -10.54 -8.87 17.08
CD CD K . -8.44 -4.03 17.01
CD CD L . -11.81 9.65 6.09
CD CD M . -7.61 9.55 -10.90
S SO4 N . -13.74 -14.18 7.82
O1 SO4 N . -14.02 -14.98 9.04
O2 SO4 N . -13.11 -12.88 8.14
O3 SO4 N . -12.86 -15.00 6.95
O4 SO4 N . -15.02 -13.91 7.12
S SO4 O . -22.58 2.77 -13.53
O1 SO4 O . -23.92 3.10 -12.98
O2 SO4 O . -21.59 3.53 -12.68
O3 SO4 O . -22.30 1.33 -13.41
O4 SO4 O . -22.52 3.27 -14.92
C1 BME P . -18.22 -3.89 10.17
C2 BME P . -16.77 -4.31 9.84
O1 BME P . -19.07 -5.05 10.31
S2 BME P . -15.83 -3.00 9.00
CD CD Q . -16.40 11.34 3.99
S SO4 R . -25.99 10.67 9.69
O1 SO4 R . -26.29 11.60 10.81
O2 SO4 R . -24.53 10.42 9.68
O3 SO4 R . -26.74 9.39 9.84
O4 SO4 R . -26.39 11.31 8.42
C1 BME S . -16.40 0.26 10.09
C2 BME S . -17.24 0.96 9.03
O1 BME S . -15.06 0.03 9.61
S2 BME S . -18.50 1.97 9.85
CD CD T . 13.21 7.04 -5.13
CD CD U . 20.29 0.77 -17.97
CD CD V . 24.76 2.83 -17.23
S SO4 W . -3.81 14.04 -20.66
O1 SO4 W . -3.64 12.90 -19.74
O2 SO4 W . -2.73 15.03 -20.49
O3 SO4 W . -5.10 14.71 -20.38
O4 SO4 W . -3.80 13.51 -22.04
S SO4 X . 24.62 18.93 -21.29
O1 SO4 X . 25.14 18.55 -19.97
O2 SO4 X . 23.76 20.12 -21.30
O3 SO4 X . 23.86 17.80 -21.87
O4 SO4 X . 25.82 19.20 -22.11
C1 BME Y . 1.15 15.98 -11.73
C2 BME Y . 2.16 15.23 -10.82
O1 BME Y . 0.74 15.28 -12.94
S2 BME Y . 2.99 13.80 -11.59
CD CD Z . 16.26 11.04 -4.71
S SO4 AA . 13.02 20.52 0.30
O1 SO4 AA . 13.10 20.59 1.77
O2 SO4 AA . 14.22 21.17 -0.27
O3 SO4 AA . 12.93 19.08 -0.03
O4 SO4 AA . 11.84 21.23 -0.22
S SO4 BA . 4.77 31.36 2.29
O1 SO4 BA . 4.30 31.49 3.69
O2 SO4 BA . 6.14 31.90 2.20
O3 SO4 BA . 4.79 29.93 1.88
O4 SO4 BA . 3.93 32.10 1.33
CD CD CA . 16.12 -17.00 -18.36
CD CD DA . 18.04 -20.73 -15.70
S SO4 EA . 20.94 -19.45 -4.79
O1 SO4 EA . 19.88 -19.57 -3.76
O2 SO4 EA . 22.13 -18.79 -4.18
O3 SO4 EA . 21.38 -20.75 -5.35
O4 SO4 EA . 20.42 -18.59 -5.87
S SO4 FA . -2.53 -19.58 -38.57
O1 SO4 FA . -3.52 -19.07 -37.62
O2 SO4 FA . -1.34 -18.70 -38.49
O3 SO4 FA . -2.11 -20.96 -38.31
O4 SO4 FA . -3.12 -19.56 -39.92
C1 BME GA . 10.56 -25.18 -38.20
C2 BME GA . 9.57 -24.55 -39.20
O1 BME GA . 11.52 -24.23 -37.67
S2 BME GA . 8.06 -23.83 -38.46
#